data_9M6O
#
_entry.id   9M6O
#
_cell.length_a   52.930
_cell.length_b   78.480
_cell.length_c   97.170
_cell.angle_alpha   90.000
_cell.angle_beta   90.000
_cell.angle_gamma   90.000
#
_symmetry.space_group_name_H-M   'P 21 21 21'
#
loop_
_entity.id
_entity.type
_entity.pdbx_description
1 polymer 'Immunoglobulin G-binding protein A'
2 polymer 'single-domain antibody'
3 water water
#
loop_
_entity_poly.entity_id
_entity_poly.type
_entity_poly.pdbx_seq_one_letter_code
_entity_poly.pdbx_strand_id
1 'polypeptide(L)' ADAQQNNFNKDQQSAFYEILNMPNLNEAQRNGFIQSLKDDPSQSTNVLGEAKKLNESQAPK H,A
2 'polypeptide(L)'
;QVQLQDSGGGLVQAGGSLRLSCAVSGRTFSAHSVYTMGWFRQAPGKEREFVARIYWSSANTYYADSVKGRFTISRDNAKN
TVDLQMNSLRPEDTAVYYCAARDGIPTSRTVGSYNYWGQGTQVTVSS
;
B,C
#
# COMPACT_ATOMS: atom_id res chain seq x y z
N ASN A 9 -10.04 2.29 19.74
CA ASN A 9 -11.17 1.63 19.10
C ASN A 9 -10.86 0.14 18.93
N LYS A 10 -11.54 -0.71 19.70
CA LYS A 10 -11.22 -2.13 19.69
C LYS A 10 -11.71 -2.79 18.41
N ASP A 11 -12.89 -2.40 17.93
CA ASP A 11 -13.36 -2.95 16.66
C ASP A 11 -12.36 -2.65 15.55
N GLN A 12 -11.76 -1.46 15.58
CA GLN A 12 -10.74 -1.13 14.59
C GLN A 12 -9.52 -2.04 14.76
N GLN A 13 -9.08 -2.26 16.00
CA GLN A 13 -7.81 -2.95 16.21
C GLN A 13 -7.90 -4.42 15.80
N SER A 14 -8.93 -5.14 16.25
CA SER A 14 -9.00 -6.54 15.89
C SER A 14 -9.25 -6.70 14.39
N ALA A 15 -9.99 -5.76 13.79
CA ALA A 15 -10.21 -5.80 12.35
C ALA A 15 -8.89 -5.65 11.59
N PHE A 16 -8.00 -4.77 12.08
CA PHE A 16 -6.71 -4.56 11.41
C PHE A 16 -5.95 -5.87 11.35
N TYR A 17 -5.86 -6.56 12.50
CA TYR A 17 -5.09 -7.80 12.54
C TYR A 17 -5.74 -8.90 11.71
N GLU A 18 -7.07 -8.98 11.69
CA GLU A 18 -7.71 -9.97 10.84
C GLU A 18 -7.41 -9.69 9.37
N ILE A 19 -7.50 -8.43 8.95
CA ILE A 19 -7.25 -8.14 7.53
C ILE A 19 -5.81 -8.44 7.18
N LEU A 20 -4.88 -8.12 8.08
CA LEU A 20 -3.47 -8.35 7.82
C LEU A 20 -3.17 -9.78 7.40
N ASN A 21 -3.89 -10.73 7.99
CA ASN A 21 -3.59 -12.15 7.79
C ASN A 21 -4.59 -12.86 6.89
N MET A 22 -5.51 -12.14 6.25
CA MET A 22 -6.40 -12.82 5.33
C MET A 22 -5.61 -13.43 4.18
N PRO A 23 -5.76 -14.73 3.92
CA PRO A 23 -4.84 -15.41 3.02
C PRO A 23 -5.08 -15.18 1.54
N ASN A 24 -6.27 -14.73 1.13
CA ASN A 24 -6.58 -14.62 -0.28
C ASN A 24 -6.67 -13.19 -0.78
N LEU A 25 -6.24 -12.22 0.01
CA LEU A 25 -6.09 -10.85 -0.47
C LEU A 25 -4.67 -10.65 -0.97
N ASN A 26 -4.51 -9.88 -2.03
CA ASN A 26 -3.18 -9.43 -2.43
C ASN A 26 -2.78 -8.20 -1.62
N GLU A 27 -1.53 -7.78 -1.80
CA GLU A 27 -1.01 -6.67 -1.00
C GLU A 27 -1.83 -5.39 -1.22
N ALA A 28 -2.14 -5.07 -2.48
CA ALA A 28 -2.87 -3.85 -2.77
C ALA A 28 -4.22 -3.84 -2.07
N GLN A 29 -4.89 -5.00 -2.04
CA GLN A 29 -6.20 -5.11 -1.41
C GLN A 29 -6.08 -4.99 0.10
N ARG A 30 -5.13 -5.73 0.68
CA ARG A 30 -4.87 -5.63 2.11
C ARG A 30 -4.59 -4.19 2.50
N ASN A 31 -3.70 -3.54 1.75
CA ASN A 31 -3.31 -2.16 2.08
C ASN A 31 -4.50 -1.20 1.94
N GLY A 32 -5.34 -1.39 0.92
CA GLY A 32 -6.51 -0.55 0.75
C GLY A 32 -7.51 -0.67 1.87
N PHE A 33 -7.79 -1.90 2.29
CA PHE A 33 -8.71 -2.11 3.41
C PHE A 33 -8.13 -1.57 4.72
N ILE A 34 -6.82 -1.74 4.93
CA ILE A 34 -6.19 -1.19 6.13
C ILE A 34 -6.32 0.32 6.13
N GLN A 35 -6.08 0.95 4.98
CA GLN A 35 -6.24 2.39 4.89
C GLN A 35 -7.68 2.82 5.19
N SER A 36 -8.67 2.03 4.75
CA SER A 36 -10.06 2.35 5.06
C SER A 36 -10.31 2.33 6.57
N LEU A 37 -9.71 1.36 7.28
CA LEU A 37 -9.87 1.30 8.72
C LEU A 37 -9.31 2.55 9.39
N LYS A 38 -8.21 3.10 8.85
CA LYS A 38 -7.67 4.33 9.39
C LYS A 38 -8.53 5.52 9.00
N ASP A 39 -9.07 5.48 7.77
CA ASP A 39 -9.88 6.60 7.29
C ASP A 39 -11.12 6.81 8.14
N ASP A 40 -11.83 5.74 8.44
CA ASP A 40 -13.16 5.85 9.05
C ASP A 40 -13.35 4.71 10.05
N PRO A 41 -12.86 4.88 11.27
CA PRO A 41 -13.02 3.82 12.28
C PRO A 41 -14.46 3.47 12.57
N SER A 42 -15.40 4.38 12.33
CA SER A 42 -16.81 4.06 12.55
C SER A 42 -17.30 2.96 11.62
N GLN A 43 -16.60 2.72 10.52
CA GLN A 43 -16.97 1.69 9.56
C GLN A 43 -16.16 0.40 9.71
N SER A 44 -15.43 0.24 10.82
CA SER A 44 -14.55 -0.91 10.97
C SER A 44 -15.28 -2.23 10.75
N THR A 45 -16.45 -2.41 11.37
CA THR A 45 -17.16 -3.67 11.24
C THR A 45 -17.56 -3.92 9.79
N ASN A 46 -17.98 -2.87 9.08
CA ASN A 46 -18.40 -3.04 7.69
C ASN A 46 -17.21 -3.25 6.75
N VAL A 47 -16.11 -2.54 7.00
CA VAL A 47 -14.89 -2.73 6.24
C VAL A 47 -14.39 -4.16 6.39
N LEU A 48 -14.36 -4.66 7.63
CA LEU A 48 -13.95 -6.04 7.85
C LEU A 48 -14.87 -7.01 7.11
N GLY A 49 -16.18 -6.76 7.14
CA GLY A 49 -17.11 -7.63 6.45
C GLY A 49 -16.88 -7.67 4.95
N GLU A 50 -16.57 -6.53 4.35
CA GLU A 50 -16.28 -6.55 2.91
C GLU A 50 -14.93 -7.19 2.59
N ALA A 51 -13.92 -7.02 3.44
CA ALA A 51 -12.67 -7.74 3.24
C ALA A 51 -12.91 -9.23 3.29
N LYS A 52 -13.73 -9.68 4.24
CA LYS A 52 -14.06 -11.10 4.32
C LYS A 52 -14.72 -11.58 3.03
N LYS A 53 -15.62 -10.76 2.45
CA LYS A 53 -16.29 -11.19 1.24
C LYS A 53 -15.30 -11.34 0.10
N LEU A 54 -14.34 -10.41 -0.01
CA LEU A 54 -13.33 -10.50 -1.05
C LEU A 54 -12.39 -11.68 -0.81
N ASN A 55 -12.04 -11.93 0.45
CA ASN A 55 -11.22 -13.09 0.77
C ASN A 55 -11.93 -14.38 0.37
N GLU A 56 -13.24 -14.44 0.57
CA GLU A 56 -14.03 -15.60 0.18
C GLU A 56 -14.12 -15.73 -1.33
N SER A 57 -14.44 -14.65 -2.02
CA SER A 57 -14.63 -14.73 -3.47
C SER A 57 -13.32 -15.02 -4.20
N GLN A 58 -12.17 -14.68 -3.61
CA GLN A 58 -10.88 -14.96 -4.20
C GLN A 58 -10.24 -16.26 -3.71
N ALA A 59 -11.02 -17.13 -3.07
CA ALA A 59 -10.48 -18.41 -2.64
C ALA A 59 -9.92 -19.17 -3.85
N PRO A 60 -8.68 -19.65 -3.80
CA PRO A 60 -8.10 -20.33 -4.96
C PRO A 60 -8.94 -21.53 -5.38
N LYS A 61 -8.97 -21.78 -6.67
CA LYS A 61 -9.82 -22.88 -7.17
C LYS A 61 -8.94 -24.02 -7.65
N ASN B 9 3.90 -14.26 15.78
CA ASN B 9 4.84 -13.67 16.70
C ASN B 9 4.17 -12.50 17.42
N LYS B 10 4.37 -12.41 18.73
CA LYS B 10 3.90 -11.24 19.46
C LYS B 10 4.70 -10.00 19.06
N ASP B 11 6.01 -10.16 18.82
CA ASP B 11 6.80 -9.03 18.36
C ASP B 11 6.26 -8.50 17.03
N GLN B 12 5.83 -9.41 16.14
CA GLN B 12 5.22 -8.96 14.90
C GLN B 12 3.93 -8.20 15.17
N GLN B 13 3.09 -8.71 16.07
CA GLN B 13 1.75 -8.14 16.22
C GLN B 13 1.80 -6.74 16.81
N SER B 14 2.55 -6.54 17.90
CA SER B 14 2.58 -5.21 18.49
C SER B 14 3.30 -4.23 17.57
N ALA B 15 4.29 -4.70 16.81
CA ALA B 15 4.97 -3.82 15.87
C ALA B 15 4.00 -3.34 14.79
N PHE B 16 3.08 -4.22 14.36
CA PHE B 16 2.13 -3.85 13.33
C PHE B 16 1.24 -2.72 13.79
N TYR B 17 0.71 -2.84 15.01
CA TYR B 17 -0.17 -1.80 15.51
C TYR B 17 0.59 -0.51 15.77
N GLU B 18 1.84 -0.60 16.21
CA GLU B 18 2.63 0.62 16.39
C GLU B 18 2.84 1.33 15.06
N ILE B 19 3.25 0.59 14.03
CA ILE B 19 3.48 1.23 12.73
C ILE B 19 2.20 1.83 12.17
N LEU B 20 1.07 1.15 12.35
CA LEU B 20 -0.20 1.63 11.84
C LEU B 20 -0.49 3.05 12.29
N ASN B 21 -0.13 3.38 13.52
CA ASN B 21 -0.49 4.66 14.12
C ASN B 21 0.66 5.66 14.21
N MET B 22 1.81 5.37 13.61
CA MET B 22 2.88 6.34 13.62
C MET B 22 2.42 7.61 12.89
N PRO B 23 2.54 8.79 13.52
CA PRO B 23 1.87 9.97 12.95
C PRO B 23 2.59 10.62 11.79
N ASN B 24 3.89 10.34 11.60
CA ASN B 24 4.66 11.08 10.61
C ASN B 24 5.07 10.23 9.42
N LEU B 25 4.50 9.04 9.28
CA LEU B 25 4.67 8.25 8.07
C LEU B 25 3.52 8.53 7.13
N ASN B 26 3.81 8.57 5.84
CA ASN B 26 2.73 8.60 4.84
C ASN B 26 2.23 7.19 4.58
N GLU B 27 1.15 7.08 3.79
CA GLU B 27 0.53 5.79 3.55
C GLU B 27 1.50 4.82 2.88
N ALA B 28 2.25 5.29 1.88
CA ALA B 28 3.17 4.40 1.18
C ALA B 28 4.21 3.82 2.13
N GLN B 29 4.72 4.65 3.03
CA GLN B 29 5.72 4.21 4.00
C GLN B 29 5.13 3.24 5.00
N ARG B 30 3.99 3.61 5.59
CA ARG B 30 3.27 2.70 6.47
C ARG B 30 3.04 1.34 5.81
N ASN B 31 2.47 1.34 4.60
CA ASN B 31 2.20 0.09 3.89
C ASN B 31 3.46 -0.71 3.61
N GLY B 32 4.56 -0.04 3.23
CA GLY B 32 5.81 -0.73 2.98
C GLY B 32 6.38 -1.39 4.21
N PHE B 33 6.36 -0.70 5.34
CA PHE B 33 6.83 -1.29 6.59
C PHE B 33 5.93 -2.43 7.04
N ILE B 34 4.60 -2.30 6.87
CA ILE B 34 3.70 -3.39 7.22
C ILE B 34 3.98 -4.61 6.37
N GLN B 35 4.20 -4.41 5.07
CA GLN B 35 4.54 -5.52 4.21
C GLN B 35 5.84 -6.19 4.65
N SER B 36 6.83 -5.40 5.11
CA SER B 36 8.06 -6.01 5.59
C SER B 36 7.82 -6.89 6.80
N LEU B 37 6.93 -6.47 7.71
CA LEU B 37 6.59 -7.30 8.85
C LEU B 37 5.98 -8.62 8.41
N LYS B 38 5.19 -8.63 7.34
CA LYS B 38 4.64 -9.88 6.85
C LYS B 38 5.72 -10.69 6.13
N ASP B 39 6.61 -10.00 5.41
CA ASP B 39 7.64 -10.68 4.64
C ASP B 39 8.54 -11.50 5.55
N ASP B 40 9.03 -10.90 6.63
CA ASP B 40 10.07 -11.51 7.46
C ASP B 40 9.81 -11.21 8.92
N PRO B 41 8.96 -12.01 9.56
CA PRO B 41 8.67 -11.78 10.99
C PRO B 41 9.89 -11.83 11.88
N SER B 42 10.95 -12.53 11.46
CA SER B 42 12.16 -12.56 12.28
C SER B 42 12.81 -11.19 12.41
N GLN B 43 12.49 -10.26 11.52
CA GLN B 43 13.03 -8.91 11.54
C GLN B 43 12.07 -7.90 12.16
N SER B 44 10.99 -8.36 12.81
CA SER B 44 10.00 -7.42 13.33
C SER B 44 10.61 -6.32 14.19
N THR B 45 11.49 -6.67 15.12
CA THR B 45 12.06 -5.66 16.00
C THR B 45 12.89 -4.64 15.23
N ASN B 46 13.62 -5.09 14.21
CA ASN B 46 14.47 -4.18 13.46
C ASN B 46 13.64 -3.33 12.50
N VAL B 47 12.61 -3.91 11.91
CA VAL B 47 11.70 -3.15 11.05
C VAL B 47 11.00 -2.06 11.85
N LEU B 48 10.52 -2.39 13.05
CA LEU B 48 9.91 -1.38 13.89
C LEU B 48 10.90 -0.26 14.22
N GLY B 49 12.14 -0.64 14.52
CA GLY B 49 13.15 0.35 14.82
C GLY B 49 13.39 1.31 13.67
N GLU B 50 13.46 0.80 12.44
CA GLU B 50 13.65 1.69 11.31
C GLU B 50 12.42 2.54 11.02
N ALA B 51 11.21 2.01 11.24
CA ALA B 51 10.02 2.83 11.09
C ALA B 51 10.04 3.97 12.08
N LYS B 52 10.44 3.68 13.32
CA LYS B 52 10.60 4.74 14.33
C LYS B 52 11.58 5.80 13.87
N LYS B 53 12.71 5.39 13.27
CA LYS B 53 13.67 6.40 12.84
C LYS B 53 13.09 7.29 11.77
N LEU B 54 12.33 6.72 10.83
CA LEU B 54 11.71 7.52 9.79
C LEU B 54 10.60 8.40 10.36
N ASN B 55 9.86 7.89 11.33
CA ASN B 55 8.84 8.72 11.98
C ASN B 55 9.49 9.91 12.68
N GLU B 56 10.66 9.71 13.29
CA GLU B 56 11.40 10.79 13.95
C GLU B 56 11.96 11.77 12.94
N SER B 57 12.59 11.28 11.87
CA SER B 57 13.23 12.19 10.92
C SER B 57 12.21 13.01 10.15
N GLN B 58 10.98 12.51 10.02
CA GLN B 58 9.92 13.22 9.31
C GLN B 58 9.02 14.03 10.25
N ALA B 59 9.44 14.25 11.48
CA ALA B 59 8.68 15.08 12.41
C ALA B 59 8.44 16.44 11.77
N PRO B 60 7.20 16.93 11.72
CA PRO B 60 6.92 18.18 11.04
C PRO B 60 7.70 19.36 11.58
N LYS B 61 8.00 20.28 10.67
CA LYS B 61 8.70 21.55 10.87
C LYS B 61 10.10 21.36 11.40
N GLN C 1 21.21 -24.48 -14.24
CA GLN C 1 20.08 -25.31 -13.85
C GLN C 1 18.95 -24.53 -13.14
N VAL C 2 19.17 -23.25 -12.83
CA VAL C 2 18.11 -22.31 -12.44
C VAL C 2 18.28 -21.05 -13.26
N GLN C 3 17.16 -20.49 -13.72
CA GLN C 3 17.12 -19.23 -14.46
C GLN C 3 16.41 -18.20 -13.60
N LEU C 4 16.92 -16.98 -13.61
CA LEU C 4 16.43 -15.90 -12.75
C LEU C 4 16.11 -14.68 -13.60
N GLN C 5 14.97 -14.06 -13.33
CA GLN C 5 14.56 -12.84 -14.01
C GLN C 5 14.12 -11.83 -12.96
N ASP C 6 14.89 -10.75 -12.80
CA ASP C 6 14.59 -9.73 -11.80
C ASP C 6 13.85 -8.56 -12.43
N SER C 7 13.10 -7.85 -11.61
CA SER C 7 12.24 -6.77 -12.06
C SER C 7 11.90 -5.89 -10.87
N GLY C 8 11.32 -4.73 -11.18
CA GLY C 8 10.71 -3.87 -10.18
C GLY C 8 11.45 -2.59 -9.89
N GLY C 9 12.61 -2.39 -10.49
CA GLY C 9 13.35 -1.16 -10.25
C GLY C 9 12.69 0.04 -10.90
N GLY C 10 13.01 1.22 -10.35
CA GLY C 10 12.51 2.44 -10.92
C GLY C 10 13.02 3.64 -10.14
N LEU C 11 12.40 4.77 -10.43
CA LEU C 11 12.73 6.03 -9.79
C LEU C 11 11.80 6.28 -8.60
N VAL C 12 12.38 6.62 -7.45
CA VAL C 12 11.63 6.85 -6.22
C VAL C 12 12.27 8.01 -5.46
N GLN C 13 11.44 8.73 -4.70
CA GLN C 13 11.95 9.80 -3.87
C GLN C 13 12.50 9.24 -2.55
N ALA C 14 13.53 9.92 -2.04
CA ALA C 14 14.09 9.59 -0.74
C ALA C 14 12.97 9.46 0.30
N GLY C 15 13.08 8.43 1.14
CA GLY C 15 12.06 8.08 2.08
C GLY C 15 11.01 7.13 1.55
N GLY C 16 11.00 6.89 0.24
CA GLY C 16 10.00 6.06 -0.38
C GLY C 16 10.32 4.59 -0.28
N SER C 17 9.43 3.80 -0.88
CA SER C 17 9.51 2.34 -0.87
C SER C 17 9.42 1.80 -2.29
N LEU C 18 9.99 0.61 -2.48
CA LEU C 18 9.93 -0.10 -3.75
C LEU C 18 9.98 -1.58 -3.42
N ARG C 19 9.40 -2.42 -4.27
CA ARG C 19 9.49 -3.86 -4.09
C ARG C 19 10.03 -4.49 -5.36
N LEU C 20 11.14 -5.21 -5.25
CA LEU C 20 11.72 -5.91 -6.37
C LEU C 20 11.27 -7.36 -6.34
N SER C 21 11.25 -7.99 -7.51
CA SER C 21 10.90 -9.39 -7.60
C SER C 21 11.84 -10.14 -8.53
N CYS C 22 11.96 -11.44 -8.27
CA CYS C 22 12.83 -12.32 -9.04
C CYS C 22 12.07 -13.61 -9.28
N ALA C 23 11.85 -13.94 -10.55
CA ALA C 23 11.18 -15.18 -10.92
C ALA C 23 12.22 -16.25 -11.12
N VAL C 24 12.04 -17.37 -10.44
CA VAL C 24 12.97 -18.49 -10.45
C VAL C 24 12.34 -19.64 -11.20
N SER C 25 13.13 -20.31 -12.03
CA SER C 25 12.63 -21.51 -12.72
C SER C 25 13.77 -22.49 -12.88
N GLY C 26 13.42 -23.77 -12.89
CA GLY C 26 14.41 -24.82 -13.11
C GLY C 26 13.73 -26.14 -13.33
N ARG C 27 14.38 -27.03 -14.10
CA ARG C 27 13.73 -28.28 -14.49
C ARG C 27 13.43 -29.17 -13.29
N THR C 28 14.32 -29.20 -12.29
CA THR C 28 14.12 -30.04 -11.12
C THR C 28 13.91 -29.23 -9.84
N PHE C 29 13.47 -27.98 -9.97
CA PHE C 29 13.33 -27.06 -8.85
C PHE C 29 12.00 -27.31 -8.14
N SER C 30 12.04 -27.37 -6.82
CA SER C 30 10.85 -27.67 -6.03
C SER C 30 10.87 -26.89 -4.72
N ALA C 31 9.82 -27.07 -3.92
CA ALA C 31 9.56 -26.15 -2.82
C ALA C 31 10.64 -26.21 -1.75
N HIS C 32 11.30 -27.35 -1.59
CA HIS C 32 12.36 -27.49 -0.61
C HIS C 32 13.70 -27.85 -1.26
N SER C 33 13.89 -27.47 -2.52
CA SER C 33 15.21 -27.58 -3.13
C SER C 33 16.20 -26.82 -2.26
N VAL C 34 17.40 -27.38 -2.12
CA VAL C 34 18.42 -26.76 -1.26
C VAL C 34 19.20 -25.79 -2.14
N TYR C 35 18.63 -24.59 -2.29
CA TYR C 35 19.25 -23.47 -2.97
C TYR C 35 19.31 -22.28 -2.03
N THR C 36 20.14 -21.30 -2.39
CA THR C 36 20.15 -20.02 -1.71
C THR C 36 19.98 -18.92 -2.74
N MET C 37 19.06 -18.00 -2.46
CA MET C 37 18.80 -16.87 -3.32
C MET C 37 19.22 -15.60 -2.61
N GLY C 38 19.76 -14.66 -3.34
CA GLY C 38 20.22 -13.42 -2.75
C GLY C 38 19.95 -12.26 -3.67
N TRP C 39 20.12 -11.08 -3.09
CA TRP C 39 20.17 -9.83 -3.83
C TRP C 39 21.51 -9.18 -3.58
N PHE C 40 22.11 -8.68 -4.66
CA PHE C 40 23.32 -7.88 -4.65
C PHE C 40 22.97 -6.54 -5.28
N ARG C 41 23.75 -5.52 -4.97
CA ARG C 41 23.52 -4.22 -5.59
C ARG C 41 24.85 -3.61 -5.99
N GLN C 42 24.81 -2.89 -7.10
CA GLN C 42 25.97 -2.26 -7.71
C GLN C 42 25.70 -0.77 -7.80
N ALA C 43 26.24 -0.02 -6.84
CA ALA C 43 26.09 1.42 -6.83
C ALA C 43 27.07 2.08 -7.80
N PRO C 44 26.85 3.36 -8.12
CA PRO C 44 27.77 4.03 -9.05
C PRO C 44 29.18 4.00 -8.51
N GLY C 45 30.12 3.62 -9.38
CA GLY C 45 31.51 3.59 -9.00
C GLY C 45 31.93 2.40 -8.18
N LYS C 46 31.04 1.43 -7.95
CA LYS C 46 31.32 0.33 -7.05
C LYS C 46 31.03 -1.02 -7.69
N GLU C 47 31.61 -2.04 -7.08
CA GLU C 47 31.35 -3.44 -7.37
C GLU C 47 30.00 -3.89 -6.83
N ARG C 48 29.51 -5.01 -7.34
CA ARG C 48 28.34 -5.66 -6.74
C ARG C 48 28.61 -5.99 -5.27
N GLU C 49 27.65 -5.66 -4.39
CA GLU C 49 27.80 -5.87 -2.97
C GLU C 49 26.57 -6.61 -2.45
N PHE C 50 26.81 -7.49 -1.47
CA PHE C 50 25.74 -8.28 -0.87
C PHE C 50 24.71 -7.40 -0.17
N VAL C 51 23.45 -7.72 -0.38
CA VAL C 51 22.32 -7.07 0.29
C VAL C 51 21.61 -8.01 1.26
N ALA C 52 21.17 -9.17 0.77
CA ALA C 52 20.40 -10.08 1.63
C ALA C 52 20.42 -11.44 0.97
N ARG C 53 20.17 -12.48 1.77
CA ARG C 53 19.93 -13.80 1.22
C ARG C 53 18.87 -14.57 2.01
N ILE C 54 18.30 -15.56 1.33
CA ILE C 54 17.28 -16.47 1.89
C ILE C 54 17.59 -17.89 1.44
N TYR C 55 17.60 -18.82 2.40
CA TYR C 55 17.69 -20.23 2.07
C TYR C 55 16.32 -20.67 1.53
N TRP C 56 16.30 -21.23 0.32
CA TRP C 56 15.03 -21.56 -0.32
C TRP C 56 14.23 -22.57 0.50
N SER C 57 14.91 -23.55 1.08
CA SER C 57 14.19 -24.65 1.72
C SER C 57 13.55 -24.22 3.03
N SER C 58 14.29 -23.47 3.85
CA SER C 58 13.82 -23.14 5.18
C SER C 58 13.25 -21.73 5.30
N ALA C 59 13.51 -20.88 4.32
CA ALA C 59 13.21 -19.45 4.36
C ALA C 59 13.99 -18.67 5.41
N ASN C 60 15.09 -19.20 5.93
CA ASN C 60 15.94 -18.44 6.84
C ASN C 60 16.63 -17.29 6.10
N THR C 61 16.65 -16.11 6.71
CA THR C 61 17.11 -14.93 6.02
C THR C 61 18.32 -14.34 6.71
N TYR C 62 19.11 -13.57 5.97
CA TYR C 62 20.27 -12.86 6.49
C TYR C 62 20.45 -11.57 5.69
N TYR C 63 20.79 -10.48 6.38
CA TYR C 63 20.86 -9.15 5.80
C TYR C 63 22.20 -8.47 6.04
N ALA C 64 22.70 -7.77 5.02
CA ALA C 64 23.77 -6.82 5.24
C ALA C 64 23.36 -5.78 6.28
N ASP C 65 24.31 -5.38 7.12
CA ASP C 65 23.95 -4.48 8.21
C ASP C 65 23.33 -3.19 7.71
N SER C 66 23.80 -2.68 6.56
CA SER C 66 23.38 -1.38 6.06
C SER C 66 21.92 -1.33 5.62
N VAL C 67 21.26 -2.48 5.47
CA VAL C 67 19.86 -2.51 5.07
C VAL C 67 18.96 -3.14 6.11
N LYS C 68 19.51 -3.65 7.21
CA LYS C 68 18.71 -4.36 8.20
C LYS C 68 17.62 -3.46 8.77
N GLY C 69 16.40 -4.00 8.79
CA GLY C 69 15.23 -3.29 9.23
C GLY C 69 14.56 -2.43 8.16
N ARG C 70 15.31 -2.01 7.14
CA ARG C 70 14.73 -1.23 6.05
C ARG C 70 14.31 -2.11 4.90
N PHE C 71 15.04 -3.19 4.64
CA PHE C 71 14.72 -4.09 3.55
C PHE C 71 14.35 -5.43 4.14
N THR C 72 13.45 -6.14 3.48
CA THR C 72 13.15 -7.53 3.81
C THR C 72 13.17 -8.41 2.57
N ILE C 73 13.74 -9.60 2.71
CA ILE C 73 13.74 -10.61 1.65
C ILE C 73 12.75 -11.71 2.01
N SER C 74 12.06 -12.22 1.00
CA SER C 74 11.08 -13.27 1.22
C SER C 74 11.00 -14.09 -0.05
N ARG C 75 10.44 -15.29 0.06
CA ARG C 75 10.32 -16.13 -1.10
C ARG C 75 8.98 -16.86 -1.04
N ASP C 76 8.40 -17.08 -2.23
CA ASP C 76 7.13 -17.78 -2.39
C ASP C 76 7.44 -19.04 -3.21
N ASN C 77 7.32 -20.21 -2.57
CA ASN C 77 7.68 -21.46 -3.23
C ASN C 77 6.48 -22.15 -3.86
N ALA C 78 5.37 -21.45 -4.01
CA ALA C 78 4.31 -21.82 -4.93
C ALA C 78 4.45 -21.07 -6.25
N LYS C 79 4.63 -19.75 -6.17
CA LYS C 79 4.81 -18.92 -7.37
C LYS C 79 6.25 -18.92 -7.85
N ASN C 80 7.19 -19.41 -7.04
CA ASN C 80 8.61 -19.46 -7.38
C ASN C 80 9.17 -18.06 -7.64
N THR C 81 9.05 -17.20 -6.63
CA THR C 81 9.61 -15.87 -6.66
C THR C 81 10.40 -15.62 -5.39
N VAL C 82 11.36 -14.68 -5.48
CA VAL C 82 12.03 -14.11 -4.33
C VAL C 82 11.88 -12.60 -4.44
N ASP C 83 11.44 -11.95 -3.38
CA ASP C 83 11.20 -10.52 -3.43
C ASP C 83 12.09 -9.79 -2.43
N LEU C 84 12.29 -8.50 -2.70
CA LEU C 84 13.01 -7.59 -1.82
C LEU C 84 12.17 -6.34 -1.62
N GLN C 85 11.62 -6.20 -0.43
CA GLN C 85 10.91 -4.98 -0.03
C GLN C 85 11.93 -3.97 0.46
N MET C 86 11.90 -2.76 -0.10
CA MET C 86 12.86 -1.72 0.25
C MET C 86 12.09 -0.52 0.77
N ASN C 87 12.27 -0.20 2.04
CA ASN C 87 11.65 0.97 2.65
C ASN C 87 12.68 1.99 3.10
N SER C 88 12.22 3.19 3.41
CA SER C 88 13.08 4.25 3.95
C SER C 88 14.30 4.45 3.05
N LEU C 89 14.03 4.54 1.76
CA LEU C 89 15.11 4.55 0.78
C LEU C 89 15.89 5.87 0.86
N ARG C 90 17.17 5.79 0.55
CA ARG C 90 18.07 6.91 0.64
C ARG C 90 18.86 7.03 -0.66
N PRO C 91 19.36 8.21 -1.00
CA PRO C 91 20.16 8.33 -2.22
C PRO C 91 21.24 7.28 -2.34
N GLU C 92 21.87 6.91 -1.22
CA GLU C 92 22.94 5.91 -1.27
C GLU C 92 22.46 4.50 -1.61
N ASP C 93 21.15 4.25 -1.68
CA ASP C 93 20.60 2.99 -2.12
C ASP C 93 20.44 2.90 -3.64
N THR C 94 20.71 3.99 -4.37
CA THR C 94 20.71 3.99 -5.82
C THR C 94 21.73 2.98 -6.32
N ALA C 95 21.27 2.11 -7.22
CA ALA C 95 22.12 1.04 -7.71
C ALA C 95 21.34 0.18 -8.68
N VAL C 96 22.06 -0.70 -9.40
CA VAL C 96 21.45 -1.84 -10.08
C VAL C 96 21.39 -2.96 -9.07
N TYR C 97 20.22 -3.57 -8.94
CA TYR C 97 20.00 -4.67 -8.02
C TYR C 97 19.85 -5.93 -8.84
N TYR C 98 20.56 -6.98 -8.43
CA TYR C 98 20.58 -8.25 -9.13
C TYR C 98 20.10 -9.36 -8.21
N CYS C 99 19.19 -10.19 -8.71
CA CYS C 99 18.89 -11.46 -8.09
C CYS C 99 20.01 -12.44 -8.41
N ALA C 100 20.35 -13.29 -7.44
CA ALA C 100 21.39 -14.30 -7.62
C ALA C 100 20.98 -15.57 -6.90
N ALA C 101 21.57 -16.69 -7.31
CA ALA C 101 21.25 -17.96 -6.67
C ALA C 101 22.44 -18.90 -6.74
N ARG C 102 22.46 -19.82 -5.78
CA ARG C 102 23.41 -20.90 -5.72
C ARG C 102 22.66 -22.20 -5.43
N ASP C 103 23.07 -23.29 -6.09
CA ASP C 103 22.51 -24.61 -5.80
C ASP C 103 23.26 -25.27 -4.63
N GLY C 104 23.01 -24.76 -3.45
CA GLY C 104 23.66 -25.17 -2.23
C GLY C 104 23.72 -23.99 -1.26
N ILE C 105 24.66 -24.07 -0.32
CA ILE C 105 24.81 -23.12 0.77
C ILE C 105 26.07 -22.29 0.51
N PRO C 106 25.97 -20.96 0.43
CA PRO C 106 27.18 -20.16 0.12
C PRO C 106 28.24 -20.26 1.19
N THR C 107 29.50 -20.24 0.74
CA THR C 107 30.65 -20.19 1.63
C THR C 107 31.12 -18.75 1.90
N SER C 108 30.45 -17.76 1.33
CA SER C 108 30.82 -16.37 1.53
C SER C 108 29.61 -15.53 1.19
N ARG C 109 29.71 -14.24 1.46
CA ARG C 109 28.73 -13.24 1.06
C ARG C 109 29.25 -12.40 -0.09
N THR C 110 29.98 -13.02 -1.01
CA THR C 110 30.55 -12.36 -2.18
C THR C 110 29.97 -12.98 -3.45
N VAL C 111 30.19 -12.29 -4.58
CA VAL C 111 29.62 -12.73 -5.84
C VAL C 111 30.07 -14.14 -6.22
N GLY C 112 31.30 -14.52 -5.86
CA GLY C 112 31.82 -15.82 -6.25
C GLY C 112 31.06 -17.00 -5.69
N SER C 113 30.26 -16.78 -4.64
CA SER C 113 29.48 -17.87 -4.07
C SER C 113 28.17 -18.11 -4.80
N TYR C 114 27.81 -17.27 -5.76
CA TYR C 114 26.54 -17.36 -6.46
C TYR C 114 26.80 -17.60 -7.93
N ASN C 115 26.23 -18.69 -8.42
CA ASN C 115 26.43 -19.28 -9.73
C ASN C 115 25.45 -18.78 -10.77
N TYR C 116 24.25 -18.37 -10.35
CA TYR C 116 23.20 -17.97 -11.27
C TYR C 116 22.81 -16.53 -10.97
N TRP C 117 22.56 -15.76 -12.03
CA TRP C 117 22.36 -14.32 -11.94
C TRP C 117 21.19 -13.86 -12.79
N GLY C 118 20.40 -12.96 -12.23
CA GLY C 118 19.51 -12.14 -13.02
C GLY C 118 20.29 -11.08 -13.76
N GLN C 119 19.59 -10.36 -14.63
CA GLN C 119 20.23 -9.35 -15.47
C GLN C 119 20.34 -8.00 -14.80
N GLY C 120 19.58 -7.76 -13.74
CA GLY C 120 19.65 -6.51 -13.02
C GLY C 120 18.44 -5.63 -13.33
N THR C 121 18.03 -4.87 -12.32
CA THR C 121 16.97 -3.87 -12.39
C THR C 121 17.49 -2.61 -11.69
N GLN C 122 17.20 -1.46 -12.27
CA GLN C 122 17.85 -0.22 -11.88
C GLN C 122 16.98 0.58 -10.93
N VAL C 123 17.54 0.94 -9.78
CA VAL C 123 16.86 1.72 -8.76
C VAL C 123 17.56 3.07 -8.65
N THR C 124 16.78 4.14 -8.72
CA THR C 124 17.30 5.49 -8.56
C THR C 124 16.49 6.15 -7.45
N VAL C 125 17.17 6.65 -6.42
CA VAL C 125 16.53 7.32 -5.29
C VAL C 125 16.94 8.78 -5.35
N SER C 126 15.99 9.66 -5.63
CA SER C 126 16.29 11.09 -5.75
C SER C 126 15.98 11.78 -4.43
N SER C 127 16.65 12.91 -4.21
CA SER C 127 16.40 13.69 -2.99
C SER C 127 15.62 14.98 -3.29
N GLN D 1 -17.67 30.60 -2.98
CA GLN D 1 -17.24 30.60 -1.60
C GLN D 1 -16.28 29.45 -1.23
N VAL D 2 -16.44 28.28 -1.85
CA VAL D 2 -15.46 27.19 -1.78
C VAL D 2 -15.21 26.68 -3.19
N GLN D 3 -13.94 26.40 -3.50
CA GLN D 3 -13.52 25.84 -4.76
C GLN D 3 -13.02 24.42 -4.52
N LEU D 4 -13.38 23.51 -5.42
CA LEU D 4 -13.09 22.09 -5.24
C LEU D 4 -12.36 21.58 -6.47
N GLN D 5 -11.27 20.82 -6.29
CA GLN D 5 -10.73 20.12 -7.46
C GLN D 5 -10.36 18.68 -7.11
N ASP D 6 -11.01 17.80 -7.85
CA ASP D 6 -10.95 16.38 -7.63
C ASP D 6 -9.92 15.73 -8.57
N SER D 7 -9.39 14.62 -8.11
CA SER D 7 -8.35 13.91 -8.84
C SER D 7 -8.31 12.47 -8.37
N GLY D 8 -7.53 11.66 -9.09
CA GLY D 8 -7.20 10.31 -8.66
C GLY D 8 -7.82 9.21 -9.46
N GLY D 9 -8.71 9.52 -10.39
CA GLY D 9 -9.34 8.49 -11.20
C GLY D 9 -8.38 7.85 -12.17
N GLY D 10 -8.72 6.63 -12.56
CA GLY D 10 -7.95 5.93 -13.57
C GLY D 10 -8.53 4.57 -13.85
N LEU D 11 -7.73 3.76 -14.54
CA LEU D 11 -8.12 2.42 -14.92
C LEU D 11 -7.61 1.41 -13.89
N VAL D 12 -8.48 0.52 -13.44
CA VAL D 12 -8.16 -0.47 -12.42
C VAL D 12 -8.86 -1.78 -12.75
N GLN D 13 -8.23 -2.88 -12.36
CA GLN D 13 -8.85 -4.18 -12.53
C GLN D 13 -9.86 -4.45 -11.42
N ALA D 14 -10.92 -5.18 -11.78
CA ALA D 14 -11.90 -5.63 -10.80
C ALA D 14 -11.21 -6.28 -9.60
N GLY D 15 -11.72 -5.96 -8.41
CA GLY D 15 -11.10 -6.35 -7.17
C GLY D 15 -10.06 -5.40 -6.66
N GLY D 16 -9.65 -4.42 -7.48
CA GLY D 16 -8.60 -3.49 -7.12
C GLY D 16 -9.09 -2.33 -6.28
N SER D 17 -8.14 -1.46 -5.95
CA SER D 17 -8.38 -0.29 -5.10
C SER D 17 -7.91 0.97 -5.81
N LEU D 18 -8.52 2.09 -5.43
CA LEU D 18 -8.12 3.40 -5.92
C LEU D 18 -8.43 4.39 -4.81
N ARG D 19 -7.71 5.50 -4.76
CA ARG D 19 -8.02 6.56 -3.80
C ARG D 19 -8.18 7.87 -4.55
N LEU D 20 -9.34 8.50 -4.40
CA LEU D 20 -9.59 9.79 -5.00
C LEU D 20 -9.34 10.88 -3.96
N SER D 21 -9.02 12.07 -4.45
CA SER D 21 -8.81 13.21 -3.56
C SER D 21 -9.49 14.44 -4.13
N CYS D 22 -9.85 15.35 -3.21
CA CYS D 22 -10.51 16.60 -3.52
C CYS D 22 -9.85 17.68 -2.69
N ALA D 23 -9.29 18.69 -3.35
CA ALA D 23 -8.65 19.80 -2.67
C ALA D 23 -9.67 20.90 -2.51
N VAL D 24 -9.82 21.40 -1.28
CA VAL D 24 -10.83 22.38 -0.93
C VAL D 24 -10.12 23.68 -0.58
N SER D 25 -10.68 24.81 -1.05
CA SER D 25 -10.12 26.09 -0.68
C SER D 25 -11.24 27.11 -0.60
N GLY D 26 -11.05 28.11 0.27
CA GLY D 26 -12.03 29.17 0.39
C GLY D 26 -11.46 30.29 1.25
N ARG D 27 -11.92 31.53 1.01
CA ARG D 27 -11.34 32.68 1.70
C ARG D 27 -11.56 32.62 3.20
N THR D 28 -12.73 32.13 3.64
CA THR D 28 -13.06 32.10 5.06
C THR D 28 -13.14 30.67 5.59
N PHE D 29 -12.52 29.71 4.91
CA PHE D 29 -12.66 28.31 5.24
C PHE D 29 -11.67 27.94 6.33
N SER D 30 -12.13 27.21 7.34
CA SER D 30 -11.29 26.86 8.48
C SER D 30 -11.64 25.45 8.97
N ALA D 31 -10.94 25.00 10.01
CA ALA D 31 -10.95 23.58 10.35
C ALA D 31 -12.32 23.12 10.82
N HIS D 32 -13.11 24.01 11.41
CA HIS D 32 -14.45 23.65 11.84
C HIS D 32 -15.54 24.46 11.14
N SER D 33 -15.28 24.93 9.92
CA SER D 33 -16.33 25.53 9.13
C SER D 33 -17.47 24.51 8.98
N VAL D 34 -18.70 24.99 9.04
CA VAL D 34 -19.87 24.10 8.98
C VAL D 34 -20.20 23.95 7.50
N TYR D 35 -19.50 23.02 6.86
CA TYR D 35 -19.72 22.59 5.49
C TYR D 35 -19.96 21.08 5.46
N THR D 36 -20.51 20.61 4.35
CA THR D 36 -20.64 19.18 4.08
C THR D 36 -20.01 18.91 2.73
N MET D 37 -19.10 17.93 2.70
CA MET D 37 -18.45 17.50 1.48
C MET D 37 -18.94 16.11 1.12
N GLY D 38 -19.09 15.85 -0.17
CA GLY D 38 -19.58 14.57 -0.60
C GLY D 38 -18.90 14.14 -1.89
N TRP D 39 -19.16 12.89 -2.24
CA TRP D 39 -18.80 12.34 -3.53
C TRP D 39 -20.07 11.81 -4.17
N PHE D 40 -20.23 12.14 -5.45
CA PHE D 40 -21.27 11.63 -6.32
C PHE D 40 -20.58 10.90 -7.45
N ARG D 41 -21.30 9.99 -8.09
CA ARG D 41 -20.74 9.29 -9.24
C ARG D 41 -21.79 9.19 -10.33
N GLN D 42 -21.31 9.27 -11.56
CA GLN D 42 -22.14 9.26 -12.77
C GLN D 42 -21.68 8.09 -13.63
N ALA D 43 -22.40 7.00 -13.54
CA ALA D 43 -22.13 5.81 -14.33
C ALA D 43 -22.65 5.99 -15.75
N PRO D 44 -22.20 5.14 -16.69
CA PRO D 44 -22.70 5.24 -18.07
C PRO D 44 -24.21 5.10 -18.11
N GLY D 45 -24.86 6.01 -18.83
CA GLY D 45 -26.29 5.98 -18.98
C GLY D 45 -27.08 6.48 -17.80
N LYS D 46 -26.43 7.01 -16.77
CA LYS D 46 -27.10 7.38 -15.53
C LYS D 46 -26.75 8.80 -15.13
N GLU D 47 -27.57 9.34 -14.24
CA GLU D 47 -27.37 10.63 -13.61
C GLU D 47 -26.38 10.51 -12.46
N ARG D 48 -25.87 11.64 -12.00
CA ARG D 48 -25.05 11.66 -10.79
C ARG D 48 -25.82 11.08 -9.62
N GLU D 49 -25.17 10.19 -8.85
CA GLU D 49 -25.79 9.56 -7.70
C GLU D 49 -24.89 9.68 -6.50
N PHE D 50 -25.52 9.80 -5.34
CA PHE D 50 -24.81 9.97 -4.09
C PHE D 50 -23.96 8.74 -3.75
N VAL D 51 -22.74 8.99 -3.29
CA VAL D 51 -21.84 7.95 -2.83
C VAL D 51 -21.61 8.05 -1.32
N ALA D 52 -21.16 9.21 -0.85
CA ALA D 52 -20.83 9.39 0.56
C ALA D 52 -20.68 10.86 0.91
N ARG D 53 -20.81 11.17 2.19
CA ARG D 53 -20.63 12.53 2.65
C ARG D 53 -19.95 12.56 4.01
N ILE D 54 -19.34 13.69 4.30
CA ILE D 54 -18.66 13.92 5.56
C ILE D 54 -18.96 15.36 5.97
N TYR D 55 -19.38 15.52 7.23
CA TYR D 55 -19.52 16.85 7.80
C TYR D 55 -18.11 17.38 8.11
N TRP D 56 -17.76 18.54 7.55
CA TRP D 56 -16.40 19.04 7.69
C TRP D 56 -16.03 19.26 9.14
N SER D 57 -16.97 19.76 9.94
CA SER D 57 -16.63 20.20 11.29
C SER D 57 -16.42 19.00 12.20
N SER D 58 -17.29 18.00 12.14
CA SER D 58 -17.24 16.88 13.08
C SER D 58 -16.61 15.63 12.50
N ALA D 59 -16.44 15.56 11.17
CA ALA D 59 -16.00 14.39 10.46
C ALA D 59 -16.98 13.22 10.53
N ASN D 60 -18.25 13.45 10.88
CA ASN D 60 -19.24 12.39 10.81
C ASN D 60 -19.50 12.00 9.36
N THR D 61 -19.61 10.69 9.11
CA THR D 61 -19.74 10.17 7.76
C THR D 61 -21.05 9.42 7.51
N TYR D 62 -21.43 9.37 6.25
CA TYR D 62 -22.59 8.61 5.81
C TYR D 62 -22.35 8.08 4.41
N TYR D 63 -22.79 6.84 4.16
CA TYR D 63 -22.54 6.14 2.92
C TYR D 63 -23.80 5.62 2.27
N ALA D 64 -23.85 5.72 0.94
CA ALA D 64 -24.80 4.94 0.16
C ALA D 64 -24.62 3.46 0.47
N ASP D 65 -25.74 2.76 0.54
CA ASP D 65 -25.66 1.34 0.93
C ASP D 65 -24.78 0.53 -0.01
N SER D 66 -24.79 0.87 -1.30
CA SER D 66 -24.08 0.08 -2.31
C SER D 66 -22.57 0.15 -2.18
N VAL D 67 -22.03 1.08 -1.39
CA VAL D 67 -20.59 1.20 -1.22
C VAL D 67 -20.15 0.97 0.21
N LYS D 68 -21.08 0.76 1.14
CA LYS D 68 -20.72 0.68 2.56
C LYS D 68 -19.78 -0.50 2.79
N GLY D 69 -18.71 -0.23 3.53
CA GLY D 69 -17.68 -1.19 3.78
C GLY D 69 -16.61 -1.30 2.74
N ARG D 70 -16.96 -0.96 1.49
CA ARG D 70 -15.96 -0.98 0.41
C ARG D 70 -15.29 0.37 0.23
N PHE D 71 -16.00 1.47 0.44
CA PHE D 71 -15.44 2.79 0.27
C PHE D 71 -15.42 3.48 1.62
N THR D 72 -14.43 4.34 1.85
CA THR D 72 -14.43 5.19 3.04
C THR D 72 -14.13 6.63 2.63
N ILE D 73 -14.81 7.57 3.26
CA ILE D 73 -14.62 8.99 3.05
C ILE D 73 -13.92 9.53 4.29
N SER D 74 -13.00 10.47 4.10
CA SER D 74 -12.27 11.08 5.18
C SER D 74 -11.87 12.49 4.76
N ARG D 75 -11.53 13.31 5.75
CA ARG D 75 -11.11 14.66 5.45
C ARG D 75 -9.95 15.06 6.34
N ASP D 76 -9.06 15.87 5.79
CA ASP D 76 -7.89 16.38 6.49
C ASP D 76 -8.06 17.89 6.54
N ASN D 77 -8.29 18.44 7.73
CA ASN D 77 -8.54 19.86 7.87
C ASN D 77 -7.29 20.66 8.21
N ALA D 78 -6.12 20.06 8.03
CA ALA D 78 -4.87 20.81 7.92
C ALA D 78 -4.50 21.01 6.46
N LYS D 79 -4.52 19.93 5.67
CA LYS D 79 -4.23 20.04 4.24
C LYS D 79 -5.44 20.45 3.42
N ASN D 80 -6.63 20.46 4.00
CA ASN D 80 -7.86 20.85 3.32
C ASN D 80 -8.16 19.95 2.11
N THR D 81 -8.25 18.66 2.42
CA THR D 81 -8.63 17.67 1.41
C THR D 81 -9.74 16.79 1.94
N VAL D 82 -10.51 16.23 1.01
CA VAL D 82 -11.46 15.16 1.28
C VAL D 82 -11.09 14.01 0.34
N ASP D 83 -10.96 12.80 0.89
CA ASP D 83 -10.58 11.66 0.07
C ASP D 83 -11.66 10.58 0.09
N LEU D 84 -11.62 9.74 -0.95
CA LEU D 84 -12.47 8.57 -1.06
C LEU D 84 -11.58 7.37 -1.37
N GLN D 85 -11.44 6.48 -0.39
CA GLN D 85 -10.77 5.20 -0.60
C GLN D 85 -11.78 4.21 -1.16
N MET D 86 -11.43 3.58 -2.28
CA MET D 86 -12.34 2.64 -2.94
C MET D 86 -11.65 1.29 -3.04
N ASN D 87 -12.21 0.30 -2.36
CA ASN D 87 -11.70 -1.06 -2.39
C ASN D 87 -12.70 -2.02 -3.01
N SER D 88 -12.21 -3.22 -3.34
CA SER D 88 -13.07 -4.28 -3.86
C SER D 88 -13.91 -3.77 -5.03
N LEU D 89 -13.23 -3.10 -5.95
CA LEU D 89 -13.94 -2.41 -7.03
C LEU D 89 -14.55 -3.42 -8.00
N ARG D 90 -15.67 -3.04 -8.60
CA ARG D 90 -16.43 -3.89 -9.50
C ARG D 90 -16.72 -3.11 -10.76
N PRO D 91 -16.94 -3.79 -11.88
CA PRO D 91 -17.29 -3.07 -13.12
C PRO D 91 -18.40 -2.06 -12.93
N GLU D 92 -19.37 -2.34 -12.08
CA GLU D 92 -20.46 -1.39 -11.89
C GLU D 92 -20.07 -0.12 -11.14
N ASP D 93 -18.83 -0.03 -10.62
CA ASP D 93 -18.32 1.18 -10.01
C ASP D 93 -17.68 2.12 -11.03
N THR D 94 -17.57 1.70 -12.29
CA THR D 94 -17.13 2.57 -13.37
C THR D 94 -18.03 3.78 -13.47
N ALA D 95 -17.40 4.95 -13.47
CA ALA D 95 -18.17 6.19 -13.47
C ALA D 95 -17.21 7.36 -13.43
N VAL D 96 -17.76 8.55 -13.68
CA VAL D 96 -17.11 9.79 -13.31
C VAL D 96 -17.51 10.11 -11.88
N TYR D 97 -16.52 10.38 -11.05
CA TYR D 97 -16.70 10.69 -9.63
C TYR D 97 -16.44 12.18 -9.44
N TYR D 98 -17.35 12.84 -8.74
CA TYR D 98 -17.28 14.27 -8.51
C TYR D 98 -17.25 14.55 -7.01
N CYS D 99 -16.33 15.42 -6.60
CA CYS D 99 -16.38 16.03 -5.28
C CYS D 99 -17.43 17.12 -5.29
N ALA D 100 -18.15 17.28 -4.18
CA ALA D 100 -19.16 18.31 -4.07
C ALA D 100 -19.19 18.84 -2.64
N ALA D 101 -19.74 20.04 -2.47
CA ALA D 101 -19.79 20.62 -1.14
C ALA D 101 -20.98 21.54 -1.01
N ARG D 102 -21.40 21.73 0.24
CA ARG D 102 -22.44 22.66 0.61
C ARG D 102 -21.97 23.43 1.83
N ASP D 103 -22.26 24.74 1.86
CA ASP D 103 -21.99 25.56 3.05
C ASP D 103 -23.16 25.46 4.03
N GLY D 104 -23.22 24.34 4.72
CA GLY D 104 -24.28 24.00 5.65
C GLY D 104 -24.53 22.50 5.62
N ILE D 105 -25.72 22.10 6.04
CA ILE D 105 -26.12 20.71 6.23
C ILE D 105 -27.13 20.35 5.14
N PRO D 106 -26.86 19.33 4.32
CA PRO D 106 -27.80 19.02 3.24
C PRO D 106 -29.17 18.56 3.74
N THR D 107 -30.21 18.95 2.99
CA THR D 107 -31.56 18.50 3.25
C THR D 107 -31.93 17.27 2.44
N SER D 108 -31.01 16.74 1.64
CA SER D 108 -31.26 15.55 0.84
C SER D 108 -29.92 14.95 0.49
N ARG D 109 -29.96 13.78 -0.11
CA ARG D 109 -28.78 13.12 -0.67
C ARG D 109 -28.83 13.16 -2.19
N THR D 110 -29.26 14.30 -2.74
CA THR D 110 -29.35 14.54 -4.17
C THR D 110 -28.47 15.73 -4.55
N VAL D 111 -28.24 15.87 -5.87
CA VAL D 111 -27.33 16.90 -6.35
C VAL D 111 -27.80 18.29 -5.94
N GLY D 112 -29.11 18.51 -5.86
CA GLY D 112 -29.63 19.83 -5.53
C GLY D 112 -29.20 20.36 -4.18
N SER D 113 -28.77 19.48 -3.27
CA SER D 113 -28.34 19.92 -1.96
C SER D 113 -26.91 20.41 -1.92
N TYR D 114 -26.16 20.29 -3.00
CA TYR D 114 -24.74 20.65 -3.03
C TYR D 114 -24.55 21.75 -4.07
N ASN D 115 -23.99 22.88 -3.63
CA ASN D 115 -23.87 24.03 -4.51
C ASN D 115 -22.48 24.24 -5.07
N TYR D 116 -21.47 23.50 -4.60
CA TYR D 116 -20.12 23.58 -5.13
C TYR D 116 -19.70 22.23 -5.66
N TRP D 117 -19.04 22.22 -6.83
CA TRP D 117 -18.71 20.99 -7.54
C TRP D 117 -17.28 21.00 -8.06
N GLY D 118 -16.63 19.84 -7.93
CA GLY D 118 -15.44 19.58 -8.72
C GLY D 118 -15.82 19.26 -10.15
N GLN D 119 -14.80 19.12 -10.99
CA GLN D 119 -15.02 18.88 -12.41
C GLN D 119 -15.18 17.41 -12.76
N GLY D 120 -14.79 16.52 -11.87
CA GLY D 120 -14.94 15.10 -12.09
C GLY D 120 -13.62 14.45 -12.45
N THR D 121 -13.49 13.18 -12.05
CA THR D 121 -12.34 12.31 -12.34
C THR D 121 -12.92 10.96 -12.73
N GLN D 122 -12.35 10.35 -13.76
CA GLN D 122 -12.95 9.20 -14.41
C GLN D 122 -12.34 7.90 -13.90
N VAL D 123 -13.20 6.99 -13.44
CA VAL D 123 -12.81 5.69 -12.94
C VAL D 123 -13.35 4.63 -13.89
N THR D 124 -12.47 3.73 -14.33
CA THR D 124 -12.85 2.61 -15.17
C THR D 124 -12.38 1.35 -14.50
N VAL D 125 -13.30 0.42 -14.24
CA VAL D 125 -12.99 -0.85 -13.59
C VAL D 125 -13.21 -1.93 -14.65
N SER D 126 -12.13 -2.58 -15.07
CA SER D 126 -12.24 -3.61 -16.09
C SER D 126 -12.30 -4.99 -15.45
N SER D 127 -12.85 -5.95 -16.19
CA SER D 127 -12.90 -7.32 -15.68
C SER D 127 -11.94 -8.23 -16.43
#